data_8CUH
#
_entry.id   8CUH
#
_cell.length_a   124.071
_cell.length_b   62.285
_cell.length_c   79.914
_cell.angle_alpha   90.00
_cell.angle_beta   117.70
_cell.angle_gamma   90.00
#
_symmetry.space_group_name_H-M   'C 1 2 1'
#
loop_
_entity.id
_entity.type
_entity.pdbx_description
1 polymer 'Transcriptional enhancer factor TEF-4'
2 non-polymer 4-[3-(2-cyclohexylethoxy)benzoyl]-N-phenylpiperazine-1-carboxamide
3 water water
#
_entity_poly.entity_id   1
_entity_poly.type   'polypeptide(L)'
_entity_poly.pdbx_seq_one_letter_code
;MAWQARGLGTARLQLVEFSAFVEPPDAVDSYQRHLFVHISQHCPSPGAPPLESVDVRQIYDKFPEKKGGLRELYDRGPPH
AFFLVKFWADLNWGPSGEEAGAGGSISSGGFYGVSSQYESLEHMTLTCSSKVCSFGKQVVEKVETERAQLEDGRFVYRLL
RSPMCEYLVNFLHKLRQLPERYMMNSVLENFTILQVVTNRDTQELLLCTAYVFEVSTSERGAQHHIYRLVRDVEHHHHHH
;
_entity_poly.pdbx_strand_id   A,B
#
# COMPACT_ATOMS: atom_id res chain seq x y z
N GLY A 7 25.60 13.49 -2.11
CA GLY A 7 24.56 14.04 -2.97
C GLY A 7 23.25 14.25 -2.25
N LEU A 8 22.46 13.18 -2.15
CA LEU A 8 21.23 13.16 -1.34
C LEU A 8 21.39 12.03 -0.33
N GLY A 9 21.67 12.37 0.91
CA GLY A 9 21.77 11.34 1.93
C GLY A 9 22.62 11.78 3.10
N THR A 10 23.08 10.78 3.83
CA THR A 10 23.83 10.95 5.07
C THR A 10 25.14 10.18 4.96
N ALA A 11 25.96 10.24 6.02
CA ALA A 11 27.15 9.41 6.07
C ALA A 11 26.82 7.94 6.15
N ARG A 12 25.59 7.60 6.55
CA ARG A 12 25.19 6.22 6.73
C ARG A 12 24.49 5.64 5.52
N LEU A 13 23.83 6.45 4.70
CA LEU A 13 23.07 5.93 3.58
C LEU A 13 23.07 6.97 2.46
N GLN A 14 23.46 6.57 1.25
CA GLN A 14 23.55 7.45 0.09
C GLN A 14 22.61 6.95 -1.01
N LEU A 15 21.79 7.83 -1.56
CA LEU A 15 21.07 7.45 -2.79
C LEU A 15 22.03 7.58 -3.96
N VAL A 16 22.12 6.54 -4.78
CA VAL A 16 23.06 6.57 -5.89
C VAL A 16 22.30 6.74 -7.19
N GLU A 17 21.13 6.12 -7.28
CA GLU A 17 20.36 6.16 -8.50
C GLU A 17 18.89 6.17 -8.15
N PHE A 18 18.08 6.79 -9.02
CA PHE A 18 16.64 6.65 -8.96
C PHE A 18 16.12 7.03 -10.34
N SER A 19 15.27 6.17 -10.89
CA SER A 19 14.57 6.48 -12.12
C SER A 19 13.17 5.87 -12.09
N ALA A 20 12.22 6.60 -12.68
CA ALA A 20 10.89 6.10 -12.97
C ALA A 20 10.74 6.19 -14.48
N PHE A 21 10.21 5.15 -15.09
CA PHE A 21 10.38 5.04 -16.54
C PHE A 21 9.31 4.15 -17.13
N VAL A 22 9.25 4.17 -18.45
CA VAL A 22 8.41 3.28 -19.23
C VAL A 22 9.25 2.74 -20.35
N GLU A 23 9.11 1.45 -20.64
CA GLU A 23 9.80 0.67 -21.65
C GLU A 23 8.82 0.18 -22.72
N PRO A 24 9.32 -0.22 -23.91
CA PRO A 24 8.41 -0.76 -24.93
C PRO A 24 8.20 -2.27 -24.77
N GLN A 32 16.76 2.33 -24.64
CA GLN A 32 15.43 2.07 -25.19
C GLN A 32 14.30 2.27 -24.18
N ARG A 33 14.30 3.38 -23.44
CA ARG A 33 13.31 3.63 -22.40
C ARG A 33 13.15 5.12 -22.17
N HIS A 34 12.02 5.49 -21.56
CA HIS A 34 11.67 6.88 -21.30
C HIS A 34 11.63 7.09 -19.80
N LEU A 35 12.53 7.94 -19.32
CA LEU A 35 12.54 8.29 -17.90
C LEU A 35 11.53 9.40 -17.63
N PHE A 36 10.57 9.13 -16.74
CA PHE A 36 9.71 10.21 -16.28
C PHE A 36 10.49 11.16 -15.40
N VAL A 37 11.24 10.60 -14.45
CA VAL A 37 12.12 11.35 -13.56
C VAL A 37 13.35 10.50 -13.31
N HIS A 38 14.44 11.16 -12.90
CA HIS A 38 15.74 10.51 -12.82
C HIS A 38 16.63 11.33 -11.91
N ILE A 39 17.29 10.65 -10.97
CA ILE A 39 18.42 11.19 -10.22
C ILE A 39 19.60 10.28 -10.45
N SER A 40 20.74 10.85 -10.81
CA SER A 40 21.98 10.10 -11.01
C SER A 40 23.07 10.58 -10.06
N GLN A 41 24.06 9.72 -9.84
CA GLN A 41 25.30 10.09 -9.14
C GLN A 41 26.35 9.01 -9.37
N LEU A 51 24.62 22.95 -1.96
CA LEU A 51 23.29 22.33 -2.00
C LEU A 51 22.30 23.11 -1.10
N GLU A 52 21.33 23.80 -1.75
CA GLU A 52 20.51 24.82 -1.11
C GLU A 52 19.54 24.20 -0.09
N SER A 53 18.90 25.08 0.68
CA SER A 53 18.05 24.68 1.80
C SER A 53 16.63 25.21 1.62
N VAL A 54 15.73 24.64 2.40
CA VAL A 54 14.30 24.96 2.38
C VAL A 54 13.76 24.70 3.78
N ASP A 55 12.75 25.46 4.18
CA ASP A 55 12.15 25.28 5.50
C ASP A 55 10.97 24.33 5.40
N VAL A 56 11.02 23.23 6.17
CA VAL A 56 9.95 22.25 6.21
C VAL A 56 8.61 22.95 6.43
N ARG A 57 8.66 24.15 7.02
CA ARG A 57 7.45 24.91 7.29
C ARG A 57 6.65 25.12 6.00
N GLN A 58 7.31 25.58 4.94
CA GLN A 58 6.65 25.93 3.69
C GLN A 58 5.77 24.81 3.16
N ILE A 59 6.03 23.56 3.54
CA ILE A 59 5.43 22.41 2.91
C ILE A 59 4.64 21.53 3.87
N TYR A 60 4.54 21.92 5.15
CA TYR A 60 3.94 21.04 6.15
C TYR A 60 2.55 20.55 5.74
N ASP A 61 1.79 21.40 5.04
CA ASP A 61 0.41 21.08 4.72
C ASP A 61 0.27 20.14 3.52
N LYS A 62 1.37 19.84 2.83
CA LYS A 62 1.33 18.98 1.65
C LYS A 62 1.25 17.49 1.98
N PHE A 63 1.64 17.08 3.18
CA PHE A 63 1.68 15.62 3.48
C PHE A 63 0.76 15.29 4.66
N PRO A 64 0.71 14.03 5.14
CA PRO A 64 -0.23 13.58 6.17
C PRO A 64 -0.26 14.58 7.34
N GLU A 65 -1.46 14.88 7.85
CA GLU A 65 -1.54 16.05 8.75
C GLU A 65 -0.73 15.84 10.02
N LYS A 66 -1.03 14.78 10.76
CA LYS A 66 -0.28 14.54 12.01
C LYS A 66 -0.12 13.04 12.23
N LYS A 67 -0.85 12.24 11.46
CA LYS A 67 -0.73 10.80 11.73
C LYS A 67 0.57 10.29 11.10
N GLY A 68 1.67 10.92 11.50
CA GLY A 68 2.99 10.37 11.08
C GLY A 68 3.28 11.03 9.74
N GLY A 69 3.28 12.36 9.68
CA GLY A 69 3.57 13.14 8.49
C GLY A 69 5.00 13.64 8.50
N LEU A 70 5.23 14.63 7.65
CA LEU A 70 6.49 15.39 7.61
C LEU A 70 6.66 16.13 8.94
N ARG A 71 5.60 16.28 9.73
CA ARG A 71 5.79 17.00 10.98
C ARG A 71 6.00 16.12 12.20
N GLU A 72 5.20 15.05 12.36
CA GLU A 72 5.55 14.03 13.35
C GLU A 72 6.96 13.53 13.13
N LEU A 73 7.30 13.23 11.87
CA LEU A 73 8.62 12.69 11.57
C LEU A 73 9.72 13.70 11.89
N TYR A 74 9.59 14.94 11.41
CA TYR A 74 10.75 15.82 11.37
C TYR A 74 11.34 16.07 12.76
N ASP A 75 10.48 16.27 13.76
CA ASP A 75 11.01 16.62 15.08
C ASP A 75 11.67 15.43 15.76
N ARG A 76 11.15 14.22 15.54
CA ARG A 76 11.73 13.03 16.15
C ARG A 76 13.19 12.85 15.74
N GLY A 77 13.66 13.66 14.79
CA GLY A 77 15.04 13.64 14.38
C GLY A 77 15.38 12.42 13.55
N PRO A 78 16.56 12.40 12.93
CA PRO A 78 17.55 13.49 12.98
C PRO A 78 17.41 14.44 11.80
N PRO A 79 17.39 15.75 12.08
CA PRO A 79 17.12 16.74 11.03
C PRO A 79 18.06 16.69 9.82
N HIS A 80 19.25 16.07 9.91
CA HIS A 80 20.14 16.02 8.75
C HIS A 80 19.71 15.01 7.70
N ALA A 81 18.74 14.15 8.02
CA ALA A 81 18.26 13.08 7.15
C ALA A 81 17.14 13.50 6.20
N PHE A 82 16.56 14.70 6.34
CA PHE A 82 15.36 15.07 5.61
C PHE A 82 15.71 15.88 4.35
N PHE A 83 15.12 15.49 3.23
CA PHE A 83 15.40 16.12 1.96
C PHE A 83 14.10 16.42 1.21
N LEU A 84 14.13 17.49 0.41
CA LEU A 84 13.06 17.84 -0.50
C LEU A 84 13.61 17.69 -1.91
N VAL A 85 12.84 17.03 -2.79
CA VAL A 85 13.24 16.84 -4.17
C VAL A 85 12.11 17.35 -5.07
N LYS A 86 12.38 18.36 -5.88
CA LYS A 86 11.43 18.79 -6.90
C LYS A 86 11.85 18.21 -8.25
N PHE A 87 10.97 17.39 -8.84
CA PHE A 87 11.10 16.90 -10.20
C PHE A 87 10.35 17.80 -11.19
N TRP A 88 10.95 17.99 -12.35
CA TRP A 88 10.23 18.41 -13.55
C TRP A 88 10.20 17.18 -14.45
N ALA A 89 9.06 16.48 -14.45
CA ALA A 89 8.91 15.22 -15.17
C ALA A 89 8.72 15.42 -16.67
N ASP A 90 9.30 14.51 -17.45
CA ASP A 90 9.06 14.43 -18.89
C ASP A 90 7.83 13.57 -19.13
N LEU A 91 6.73 14.19 -19.56
CA LEU A 91 5.47 13.47 -19.76
C LEU A 91 5.06 13.38 -21.23
N ASN A 92 6.02 13.32 -22.14
CA ASN A 92 5.71 13.16 -23.56
C ASN A 92 6.36 11.89 -24.08
N TRP A 93 5.53 10.96 -24.54
CA TRP A 93 6.03 9.69 -25.07
C TRP A 93 4.98 8.94 -25.87
N GLY A 110 3.55 -0.91 -22.68
CA GLY A 110 4.94 -0.79 -22.26
C GLY A 110 5.15 -0.86 -20.75
N PHE A 111 6.31 -1.33 -20.32
CA PHE A 111 6.53 -1.57 -18.90
C PHE A 111 6.72 -0.26 -18.12
N TYR A 112 5.93 -0.08 -17.06
CA TYR A 112 6.07 1.06 -16.16
C TYR A 112 6.84 0.62 -14.93
N GLY A 113 8.03 1.19 -14.74
CA GLY A 113 8.93 0.69 -13.73
C GLY A 113 9.58 1.83 -12.95
N VAL A 114 10.15 1.45 -11.80
CA VAL A 114 11.03 2.31 -11.01
C VAL A 114 12.27 1.53 -10.63
N SER A 115 13.40 2.23 -10.61
CA SER A 115 14.67 1.69 -10.13
C SER A 115 15.20 2.59 -9.02
N SER A 116 15.79 1.99 -7.99
CA SER A 116 16.54 2.74 -6.99
C SER A 116 17.78 1.96 -6.57
N GLN A 117 18.79 2.70 -6.13
CA GLN A 117 20.04 2.11 -5.70
C GLN A 117 20.58 2.96 -4.58
N TYR A 118 20.75 2.35 -3.41
CA TYR A 118 21.44 2.98 -2.30
C TYR A 118 22.70 2.21 -1.95
N GLU A 119 23.55 2.82 -1.13
CA GLU A 119 24.72 2.13 -0.63
C GLU A 119 25.15 2.72 0.71
N SER A 120 25.87 1.90 1.48
CA SER A 120 26.32 2.24 2.83
C SER A 120 27.60 1.49 3.16
N LEU A 121 28.27 1.96 4.20
CA LEU A 121 29.44 1.27 4.75
C LEU A 121 29.10 0.32 5.89
N GLU A 122 27.87 0.36 6.40
CA GLU A 122 27.40 -0.57 7.42
C GLU A 122 26.42 -1.54 6.79
N HIS A 123 26.43 -2.77 7.26
CA HIS A 123 25.49 -3.78 6.77
C HIS A 123 24.15 -3.62 7.48
N MET A 124 23.11 -3.35 6.71
CA MET A 124 21.78 -3.18 7.26
C MET A 124 20.76 -3.90 6.38
N THR A 125 19.58 -4.07 6.93
CA THR A 125 18.37 -4.32 6.15
C THR A 125 17.52 -3.06 6.18
N LEU A 126 17.13 -2.55 5.01
CA LEU A 126 16.39 -1.30 4.93
C LEU A 126 14.89 -1.54 4.87
N THR A 127 14.13 -0.68 5.55
CA THR A 127 12.68 -0.57 5.40
C THR A 127 12.37 0.76 4.73
N CYS A 128 11.44 0.72 3.77
CA CYS A 128 11.11 1.91 2.97
C CYS A 128 9.60 2.07 3.00
N SER A 129 9.13 3.09 3.71
CA SER A 129 7.74 3.48 3.64
C SER A 129 7.56 4.60 2.62
N SER A 130 6.69 4.37 1.65
CA SER A 130 6.31 5.38 0.67
C SER A 130 4.86 5.74 0.93
N LYS A 131 4.54 7.02 0.96
CA LYS A 131 3.16 7.47 1.08
C LYS A 131 2.87 8.40 -0.07
N VAL A 132 1.86 8.07 -0.86
CA VAL A 132 1.38 8.96 -1.90
C VAL A 132 0.24 9.77 -1.33
N CYS A 133 0.37 11.10 -1.42
CA CYS A 133 -0.61 12.01 -0.85
C CYS A 133 -1.19 12.85 -1.96
N SER A 134 -2.52 12.94 -1.99
CA SER A 134 -3.25 13.68 -3.01
C SER A 134 -4.22 14.58 -2.28
N PHE A 135 -4.00 15.89 -2.37
CA PHE A 135 -4.74 16.97 -1.66
C PHE A 135 -4.54 16.80 -0.16
N GLY A 136 -3.37 16.38 0.28
CA GLY A 136 -3.10 16.16 1.70
C GLY A 136 -3.49 14.77 2.19
N LYS A 137 -4.55 14.18 1.65
CA LYS A 137 -5.00 12.83 2.01
C LYS A 137 -3.99 11.79 1.54
N GLN A 138 -3.57 10.93 2.45
CA GLN A 138 -2.70 9.81 2.08
C GLN A 138 -3.54 8.79 1.31
N VAL A 139 -3.34 8.65 0.01
CA VAL A 139 -4.08 7.66 -0.77
C VAL A 139 -3.34 6.35 -0.98
N VAL A 140 -2.03 6.29 -0.81
CA VAL A 140 -1.34 5.01 -0.89
C VAL A 140 -0.23 4.98 0.12
N GLU A 141 -0.06 3.84 0.75
CA GLU A 141 1.11 3.55 1.56
C GLU A 141 1.69 2.22 1.08
N LYS A 142 2.99 2.21 0.83
CA LYS A 142 3.73 1.03 0.40
C LYS A 142 4.91 0.84 1.33
N VAL A 143 5.10 -0.39 1.81
CA VAL A 143 6.24 -0.72 2.66
C VAL A 143 7.04 -1.84 2.01
N GLU A 144 8.30 -1.57 1.70
CA GLU A 144 9.18 -2.54 1.07
C GLU A 144 10.39 -2.75 1.95
N THR A 145 11.14 -3.80 1.65
CA THR A 145 12.33 -4.20 2.39
C THR A 145 13.41 -4.55 1.38
N GLU A 146 14.67 -4.33 1.77
CA GLU A 146 15.81 -4.67 0.91
C GLU A 146 17.05 -4.95 1.75
N ARG A 147 17.66 -6.09 1.53
CA ARG A 147 18.85 -6.44 2.28
C ARG A 147 20.11 -6.03 1.52
N ALA A 148 21.12 -5.67 2.30
CA ALA A 148 22.39 -5.23 1.73
C ALA A 148 23.05 -6.36 0.98
N GLN A 149 23.57 -6.08 -0.20
CA GLN A 149 24.48 -6.99 -0.88
C GLN A 149 25.87 -6.38 -0.87
N LEU A 150 26.87 -7.17 -0.49
CA LEU A 150 28.25 -6.72 -0.52
C LEU A 150 28.76 -6.70 -1.95
N GLU A 151 29.45 -5.61 -2.31
CA GLU A 151 29.87 -5.40 -3.69
C GLU A 151 30.94 -4.32 -3.71
N ASP A 152 32.14 -4.67 -4.15
CA ASP A 152 33.22 -3.70 -4.36
C ASP A 152 33.43 -2.83 -3.13
N GLY A 153 33.70 -3.50 -2.00
CA GLY A 153 33.99 -2.81 -0.75
C GLY A 153 32.89 -1.96 -0.15
N ARG A 154 31.69 -1.95 -0.76
CA ARG A 154 30.56 -1.15 -0.31
C ARG A 154 29.37 -2.07 -0.10
N PHE A 155 28.38 -1.59 0.65
CA PHE A 155 27.11 -2.30 0.77
C PHE A 155 26.10 -1.64 -0.15
N VAL A 156 25.53 -2.43 -1.06
CA VAL A 156 24.64 -1.93 -2.10
C VAL A 156 23.23 -2.45 -1.84
N TYR A 157 22.25 -1.55 -1.93
CA TYR A 157 20.84 -1.87 -1.84
C TYR A 157 20.24 -1.56 -3.20
N ARG A 158 19.74 -2.58 -3.91
CA ARG A 158 19.24 -2.36 -5.26
C ARG A 158 17.79 -2.81 -5.38
N LEU A 159 17.00 -1.99 -6.07
CA LEU A 159 15.61 -2.29 -6.36
C LEU A 159 15.42 -1.94 -7.84
N LEU A 160 15.70 -2.90 -8.71
CA LEU A 160 15.80 -2.65 -10.14
C LEU A 160 14.57 -3.17 -10.88
N ARG A 161 14.02 -2.32 -11.76
CA ARG A 161 12.82 -2.61 -12.52
C ARG A 161 11.72 -3.25 -11.66
N SER A 162 11.35 -2.54 -10.57
CA SER A 162 10.16 -2.95 -9.82
C SER A 162 8.88 -2.39 -10.48
N PRO A 163 7.82 -3.19 -10.57
CA PRO A 163 6.57 -2.67 -11.14
C PRO A 163 6.16 -1.37 -10.49
N MET A 164 6.00 -0.31 -11.29
CA MET A 164 5.54 0.95 -10.73
C MET A 164 4.16 0.76 -10.13
N CYS A 165 3.91 1.45 -9.00
CA CYS A 165 2.65 1.35 -8.27
C CYS A 165 1.45 1.46 -9.21
N GLU A 166 0.43 0.62 -8.97
CA GLU A 166 -0.82 0.72 -9.71
C GLU A 166 -1.26 2.16 -9.84
N TYR A 167 -1.23 2.87 -8.71
CA TYR A 167 -1.88 4.17 -8.64
C TYR A 167 -1.18 5.18 -9.53
N LEU A 168 0.16 5.21 -9.48
CA LEU A 168 0.89 6.18 -10.29
C LEU A 168 0.77 5.88 -11.79
N VAL A 169 0.76 4.60 -12.18
CA VAL A 169 0.55 4.27 -13.59
C VAL A 169 -0.75 4.87 -14.09
N ASN A 170 -1.87 4.55 -13.42
CA ASN A 170 -3.13 5.14 -13.83
C ASN A 170 -3.09 6.65 -13.76
N PHE A 171 -2.50 7.20 -12.70
CA PHE A 171 -2.32 8.65 -12.64
C PHE A 171 -1.58 9.15 -13.86
N LEU A 172 -0.52 8.45 -14.27
CA LEU A 172 0.25 8.91 -15.41
C LEU A 172 -0.60 8.96 -16.68
N HIS A 173 -1.51 8.01 -16.82
CA HIS A 173 -2.28 7.95 -18.06
C HIS A 173 -3.30 9.07 -18.13
N LYS A 174 -3.89 9.45 -16.99
CA LYS A 174 -4.76 10.61 -16.99
C LYS A 174 -3.97 11.90 -17.23
N LEU A 175 -2.79 12.01 -16.62
CA LEU A 175 -1.98 13.22 -16.74
C LEU A 175 -1.58 13.50 -18.17
N ARG A 176 -1.18 12.46 -18.91
CA ARG A 176 -0.62 12.68 -20.24
C ARG A 176 -1.63 13.25 -21.21
N GLN A 177 -2.92 13.14 -20.90
CA GLN A 177 -3.99 13.56 -21.81
C GLN A 177 -4.40 15.01 -21.62
N LEU A 178 -3.97 15.66 -20.55
CA LEU A 178 -4.22 17.08 -20.43
C LEU A 178 -3.59 17.83 -21.61
N PRO A 179 -4.29 18.77 -22.20
CA PRO A 179 -3.79 19.45 -23.41
C PRO A 179 -2.79 20.59 -23.18
N GLU A 180 -2.36 20.89 -21.96
CA GLU A 180 -1.51 22.05 -21.71
C GLU A 180 -0.65 21.78 -20.48
N ARG A 181 0.62 22.16 -20.54
CA ARG A 181 1.48 21.91 -19.38
C ARG A 181 0.91 22.58 -18.13
N TYR A 182 0.33 23.76 -18.26
CA TYR A 182 -0.08 24.44 -17.03
C TYR A 182 -1.23 23.74 -16.35
N MET A 183 -2.00 22.94 -17.10
CA MET A 183 -3.01 22.10 -16.46
C MET A 183 -2.36 20.93 -15.73
N MET A 184 -1.37 20.28 -16.35
CA MET A 184 -0.61 19.24 -15.64
C MET A 184 -0.03 19.78 -14.33
N ASN A 185 0.56 20.97 -14.36
CA ASN A 185 1.10 21.51 -13.12
C ASN A 185 -0.01 21.77 -12.12
N SER A 186 -1.17 22.21 -12.60
CA SER A 186 -2.27 22.46 -11.67
C SER A 186 -2.65 21.18 -10.94
N VAL A 187 -2.87 20.10 -11.68
CA VAL A 187 -3.17 18.84 -11.03
C VAL A 187 -2.04 18.45 -10.12
N LEU A 188 -0.79 18.63 -10.56
CA LEU A 188 0.34 18.12 -9.78
C LEU A 188 0.63 18.93 -8.54
N GLU A 189 0.22 20.20 -8.50
CA GLU A 189 0.51 21.00 -7.31
C GLU A 189 -0.18 20.44 -6.07
N ASN A 190 -1.04 19.43 -6.23
CA ASN A 190 -1.79 18.85 -5.14
C ASN A 190 -1.28 17.46 -4.79
N PHE A 191 -0.11 17.09 -5.27
CA PHE A 191 0.28 15.69 -5.26
C PHE A 191 1.72 15.60 -4.78
N THR A 192 1.95 14.74 -3.78
CA THR A 192 3.29 14.59 -3.23
C THR A 192 3.52 13.15 -2.83
N ILE A 193 4.78 12.80 -2.67
CA ILE A 193 5.19 11.48 -2.21
C ILE A 193 6.20 11.68 -1.09
N LEU A 194 5.99 11.00 0.02
CA LEU A 194 6.88 11.11 1.15
C LEU A 194 7.45 9.73 1.40
N GLN A 195 8.77 9.65 1.46
CA GLN A 195 9.49 8.38 1.49
C GLN A 195 10.37 8.38 2.73
N VAL A 196 10.30 7.32 3.53
CA VAL A 196 11.05 7.21 4.78
C VAL A 196 11.78 5.87 4.78
N VAL A 197 13.10 5.93 4.84
CA VAL A 197 13.95 4.76 4.86
C VAL A 197 14.51 4.64 6.25
N THR A 198 14.29 3.49 6.89
CA THR A 198 14.78 3.28 8.22
C THR A 198 15.60 2.00 8.29
N ASN A 199 16.43 1.94 9.31
CA ASN A 199 17.15 0.71 9.62
C ASN A 199 16.14 -0.30 10.16
N ARG A 200 15.97 -1.42 9.45
CA ARG A 200 14.88 -2.31 9.83
C ARG A 200 15.11 -2.96 11.18
N ASP A 201 16.36 -3.19 11.56
CA ASP A 201 16.67 -3.91 12.79
C ASP A 201 16.92 -2.98 13.96
N THR A 202 16.98 -1.66 13.75
CA THR A 202 16.96 -0.69 14.84
C THR A 202 15.81 0.30 14.71
N GLN A 203 15.40 0.65 13.49
CA GLN A 203 14.34 1.60 13.22
C GLN A 203 14.85 3.04 13.32
N GLU A 204 16.16 3.23 13.48
CA GLU A 204 16.78 4.51 13.18
C GLU A 204 16.31 5.00 11.83
N LEU A 205 15.90 6.25 11.76
CA LEU A 205 15.59 6.83 10.46
C LEU A 205 16.88 7.16 9.73
N LEU A 206 17.01 6.66 8.51
CA LEU A 206 18.19 6.91 7.71
C LEU A 206 17.97 8.01 6.69
N LEU A 207 16.78 8.09 6.11
CA LEU A 207 16.54 9.07 5.06
C LEU A 207 15.05 9.34 5.01
N CYS A 208 14.68 10.60 4.82
CA CYS A 208 13.28 10.94 4.63
C CYS A 208 13.22 12.00 3.56
N THR A 209 12.58 11.67 2.43
CA THR A 209 12.51 12.52 1.25
C THR A 209 11.06 12.89 0.95
N ALA A 210 10.79 14.17 0.75
CA ALA A 210 9.50 14.62 0.27
C ALA A 210 9.65 14.96 -1.20
N TYR A 211 8.74 14.48 -2.03
CA TYR A 211 8.77 14.70 -3.47
C TYR A 211 7.59 15.58 -3.91
N VAL A 212 7.89 16.64 -4.67
CA VAL A 212 6.89 17.47 -5.32
C VAL A 212 7.18 17.46 -6.82
N PHE A 213 6.18 17.80 -7.63
CA PHE A 213 6.31 17.61 -9.07
C PHE A 213 5.76 18.76 -9.89
N GLU A 214 6.45 19.04 -10.99
CA GLU A 214 5.95 19.83 -12.11
C GLU A 214 6.26 19.08 -13.40
N VAL A 215 5.83 19.61 -14.50
CA VAL A 215 6.08 19.03 -15.81
C VAL A 215 7.02 19.95 -16.58
N SER A 216 8.07 19.37 -17.16
CA SER A 216 8.99 20.06 -18.06
C SER A 216 8.40 20.08 -19.48
N THR A 217 9.05 20.77 -20.40
CA THR A 217 8.63 20.72 -21.80
C THR A 217 9.37 19.59 -22.51
N SER A 218 9.38 19.60 -23.84
CA SER A 218 10.04 18.53 -24.57
C SER A 218 11.54 18.77 -24.67
N GLU A 219 11.95 19.95 -25.18
CA GLU A 219 13.36 20.22 -25.45
C GLU A 219 14.22 20.20 -24.18
N ARG A 220 13.64 20.56 -23.04
CA ARG A 220 14.24 20.29 -21.74
C ARG A 220 13.61 19.01 -21.21
N GLY A 221 14.42 18.00 -20.96
CA GLY A 221 13.93 16.75 -20.41
C GLY A 221 13.73 16.86 -18.92
N ALA A 222 13.81 15.72 -18.25
CA ALA A 222 13.64 15.71 -16.80
C ALA A 222 14.66 16.61 -16.13
N GLN A 223 14.29 17.12 -14.96
CA GLN A 223 15.25 17.80 -14.11
C GLN A 223 14.73 17.72 -12.69
N HIS A 224 15.66 17.80 -11.75
CA HIS A 224 15.32 17.82 -10.33
C HIS A 224 16.19 18.84 -9.64
N HIS A 225 15.80 19.18 -8.42
CA HIS A 225 16.68 19.93 -7.52
C HIS A 225 16.50 19.37 -6.13
N ILE A 226 17.58 18.85 -5.57
CA ILE A 226 17.59 18.33 -4.22
C ILE A 226 17.84 19.48 -3.27
N TYR A 227 16.89 19.70 -2.37
CA TYR A 227 16.97 20.70 -1.32
C TYR A 227 17.01 19.99 0.03
N ARG A 228 17.31 20.74 1.08
CA ARG A 228 17.50 20.18 2.41
C ARG A 228 16.47 20.80 3.33
N LEU A 229 15.74 19.95 4.05
CA LEU A 229 14.67 20.41 4.92
C LEU A 229 15.25 20.87 6.25
N VAL A 230 15.16 22.17 6.54
CA VAL A 230 15.61 22.74 7.80
C VAL A 230 14.44 23.38 8.53
N ARG A 231 14.69 23.97 9.69
CA ARG A 231 13.64 24.66 10.44
C ARG A 231 14.16 25.79 11.32
N GLN B 4 -12.65 -27.14 -8.08
CA GLN B 4 -13.46 -26.22 -7.28
C GLN B 4 -13.11 -26.28 -5.78
N ALA B 5 -12.86 -25.12 -5.18
CA ALA B 5 -12.33 -24.99 -3.83
C ALA B 5 -13.41 -25.24 -2.77
N ARG B 6 -12.97 -25.65 -1.58
CA ARG B 6 -13.84 -25.84 -0.43
C ARG B 6 -13.54 -24.88 0.73
N GLY B 7 -12.65 -23.91 0.53
CA GLY B 7 -12.29 -22.93 1.55
C GLY B 7 -11.57 -21.77 0.87
N LEU B 8 -11.24 -20.73 1.65
CA LEU B 8 -10.56 -19.56 1.08
C LEU B 8 -9.07 -19.89 0.92
N GLY B 9 -8.71 -20.41 -0.25
CA GLY B 9 -7.31 -20.64 -0.54
C GLY B 9 -7.17 -21.49 -1.77
N THR B 10 -5.92 -21.74 -2.13
CA THR B 10 -5.58 -22.60 -3.25
C THR B 10 -4.46 -23.52 -2.83
N ALA B 11 -4.28 -24.60 -3.59
CA ALA B 11 -3.16 -25.51 -3.37
C ALA B 11 -1.86 -24.76 -3.17
N ARG B 12 -1.75 -23.58 -3.76
CA ARG B 12 -0.58 -22.74 -3.62
C ARG B 12 -0.51 -21.80 -2.42
N LEU B 13 -1.64 -21.39 -1.89
CA LEU B 13 -1.63 -20.50 -0.74
C LEU B 13 -3.00 -20.61 -0.09
N GLN B 14 -3.03 -20.90 1.20
CA GLN B 14 -4.28 -21.00 1.92
C GLN B 14 -4.29 -19.98 3.05
N LEU B 15 -5.45 -19.36 3.25
CA LEU B 15 -5.63 -18.52 4.41
C LEU B 15 -5.86 -19.37 5.65
N VAL B 16 -5.24 -18.98 6.74
CA VAL B 16 -5.29 -19.72 7.98
C VAL B 16 -6.05 -18.94 9.04
N GLU B 17 -5.80 -17.64 9.13
CA GLU B 17 -6.56 -16.87 10.09
C GLU B 17 -6.55 -15.42 9.66
N PHE B 18 -7.68 -14.74 9.88
CA PHE B 18 -7.75 -13.31 9.69
C PHE B 18 -8.64 -12.71 10.76
N SER B 19 -8.17 -11.64 11.41
CA SER B 19 -9.03 -10.88 12.31
C SER B 19 -8.72 -9.39 12.24
N ALA B 20 -9.75 -8.57 12.43
CA ALA B 20 -9.61 -7.14 12.66
C ALA B 20 -10.25 -6.86 14.00
N PHE B 21 -9.54 -6.15 14.87
CA PHE B 21 -9.95 -6.08 16.28
C PHE B 21 -9.58 -4.73 16.88
N VAL B 22 -10.02 -4.52 18.12
CA VAL B 22 -9.65 -3.34 18.88
C VAL B 22 -9.46 -3.69 20.34
N GLU B 23 -8.39 -3.25 20.91
CA GLU B 23 -8.18 -3.46 22.32
C GLU B 23 -8.51 -2.17 23.06
N PRO B 24 -9.31 -2.20 24.12
CA PRO B 24 -9.56 -0.97 24.90
C PRO B 24 -8.29 -0.49 25.57
N PRO B 25 -8.20 0.79 25.94
CA PRO B 25 -7.00 1.28 26.61
C PRO B 25 -6.84 0.66 27.98
N ASP B 26 -7.92 0.14 28.55
CA ASP B 26 -7.92 -0.60 29.81
C ASP B 26 -7.68 -2.03 29.35
N ALA B 27 -6.67 -2.24 28.50
CA ALA B 27 -6.17 -3.57 28.20
C ALA B 27 -4.83 -3.87 28.87
N VAL B 28 -4.16 -2.86 29.41
CA VAL B 28 -2.92 -3.11 30.14
C VAL B 28 -3.19 -3.68 31.52
N ASP B 29 -4.35 -3.38 32.10
CA ASP B 29 -4.76 -3.99 33.35
C ASP B 29 -5.32 -5.41 33.24
N SER B 30 -6.50 -5.54 32.64
CA SER B 30 -7.05 -6.81 32.17
C SER B 30 -7.07 -6.80 30.65
N TYR B 31 -6.53 -7.86 30.04
CA TYR B 31 -6.52 -7.90 28.58
C TYR B 31 -7.88 -8.30 28.03
N GLN B 32 -8.31 -7.60 26.99
CA GLN B 32 -9.53 -7.96 26.27
C GLN B 32 -9.43 -7.38 24.86
N ARG B 33 -10.24 -7.94 23.97
CA ARG B 33 -10.11 -7.79 22.53
C ARG B 33 -11.49 -7.96 21.93
N HIS B 34 -11.95 -6.97 21.18
CA HIS B 34 -13.21 -7.04 20.44
C HIS B 34 -12.90 -7.30 18.99
N LEU B 35 -13.42 -8.41 18.46
CA LEU B 35 -13.28 -8.74 17.03
C LEU B 35 -14.41 -8.11 16.24
N PHE B 36 -14.05 -7.25 15.27
CA PHE B 36 -15.03 -6.75 14.29
C PHE B 36 -15.37 -7.82 13.27
N VAL B 37 -14.36 -8.46 12.70
CA VAL B 37 -14.53 -9.58 11.77
C VAL B 37 -13.42 -10.58 12.01
N HIS B 38 -13.68 -11.82 11.62
CA HIS B 38 -12.82 -12.93 11.97
C HIS B 38 -13.04 -14.06 10.98
N ILE B 39 -11.96 -14.66 10.52
CA ILE B 39 -11.98 -15.94 9.82
C ILE B 39 -10.88 -16.80 10.43
N SER B 40 -11.22 -18.05 10.75
CA SER B 40 -10.24 -19.07 11.11
C SER B 40 -10.46 -20.28 10.22
N GLN B 41 -9.38 -20.90 9.76
CA GLN B 41 -9.50 -22.02 8.83
C GLN B 41 -8.50 -23.14 9.11
N ALA B 48 -16.26 -32.40 3.33
CA ALA B 48 -16.24 -30.94 3.28
C ALA B 48 -16.86 -30.42 1.99
N PRO B 49 -17.91 -29.61 2.11
CA PRO B 49 -18.69 -29.21 0.93
C PRO B 49 -17.98 -28.12 0.14
N PRO B 50 -18.14 -28.10 -1.17
CA PRO B 50 -17.60 -27.01 -1.97
C PRO B 50 -18.24 -25.70 -1.57
N LEU B 51 -17.57 -24.61 -1.91
CA LEU B 51 -18.10 -23.28 -1.61
C LEU B 51 -19.16 -22.89 -2.63
N GLU B 52 -20.13 -22.10 -2.20
CA GLU B 52 -21.06 -21.56 -3.15
C GLU B 52 -20.33 -20.61 -4.09
N SER B 53 -21.02 -20.27 -5.18
CA SER B 53 -20.48 -19.43 -6.23
C SER B 53 -21.24 -18.13 -6.29
N VAL B 54 -20.55 -17.09 -6.73
CA VAL B 54 -21.20 -15.85 -7.11
C VAL B 54 -20.52 -15.39 -8.38
N ASP B 55 -21.30 -14.95 -9.37
CA ASP B 55 -20.71 -14.51 -10.62
C ASP B 55 -20.04 -13.15 -10.44
N VAL B 56 -18.75 -13.08 -10.77
CA VAL B 56 -17.98 -11.88 -10.53
C VAL B 56 -18.65 -10.67 -11.18
N ARG B 57 -19.40 -10.88 -12.28
CA ARG B 57 -20.02 -9.75 -12.98
C ARG B 57 -21.03 -9.03 -12.11
N GLN B 58 -21.62 -9.73 -11.15
CA GLN B 58 -22.63 -9.15 -10.26
C GLN B 58 -22.05 -8.13 -9.29
N ILE B 59 -20.75 -8.20 -8.99
CA ILE B 59 -20.12 -7.22 -8.09
C ILE B 59 -19.19 -6.27 -8.82
N TYR B 60 -19.10 -6.34 -10.16
CA TYR B 60 -18.33 -5.36 -10.90
C TYR B 60 -18.68 -3.95 -10.45
N ASP B 61 -19.97 -3.68 -10.27
CA ASP B 61 -20.43 -2.36 -9.84
C ASP B 61 -19.59 -1.80 -8.72
N LYS B 62 -19.10 -2.65 -7.83
CA LYS B 62 -18.69 -2.23 -6.50
C LYS B 62 -17.16 -2.13 -6.33
N PHE B 63 -16.38 -2.25 -7.40
CA PHE B 63 -14.94 -2.14 -7.23
C PHE B 63 -14.36 -1.27 -8.35
N PRO B 64 -13.10 -0.79 -8.31
CA PRO B 64 -12.66 0.05 -9.39
C PRO B 64 -12.91 -0.67 -10.71
N GLU B 65 -13.60 -0.02 -11.63
CA GLU B 65 -13.75 -0.60 -12.99
C GLU B 65 -12.60 0.05 -13.75
N LYS B 66 -11.66 0.61 -13.02
CA LYS B 66 -10.54 1.35 -13.63
C LYS B 66 -9.49 0.37 -14.12
N LYS B 67 -8.39 0.90 -14.60
CA LYS B 67 -7.29 0.02 -15.05
C LYS B 67 -7.13 -0.34 -13.58
N GLY B 68 -7.54 -1.56 -13.23
CA GLY B 68 -7.04 -2.42 -12.15
C GLY B 68 -8.10 -2.92 -11.19
N GLY B 69 -9.35 -3.09 -11.64
CA GLY B 69 -10.22 -3.68 -10.61
C GLY B 69 -10.62 -5.12 -10.90
N LEU B 70 -11.62 -5.61 -10.17
CA LEU B 70 -12.04 -7.03 -10.28
C LEU B 70 -12.06 -7.55 -11.71
N ARG B 71 -12.53 -6.76 -12.67
CA ARG B 71 -12.68 -7.38 -13.98
C ARG B 71 -11.36 -7.74 -14.68
N GLU B 72 -10.47 -6.77 -14.84
CA GLU B 72 -9.21 -7.07 -15.51
C GLU B 72 -8.36 -8.06 -14.72
N LEU B 73 -8.33 -7.92 -13.39
CA LEU B 73 -7.63 -8.91 -12.57
C LEU B 73 -8.16 -10.29 -12.87
N TYR B 74 -9.49 -10.42 -12.97
CA TYR B 74 -10.08 -11.71 -13.31
C TYR B 74 -9.63 -12.17 -14.68
N ASP B 75 -9.22 -11.24 -15.55
CA ASP B 75 -8.81 -11.59 -16.90
C ASP B 75 -7.35 -12.03 -16.98
N ARG B 76 -6.52 -11.58 -16.04
CA ARG B 76 -5.17 -12.11 -15.94
C ARG B 76 -5.13 -13.42 -15.16
N GLY B 77 -6.24 -13.84 -14.57
CA GLY B 77 -6.32 -15.12 -13.91
C GLY B 77 -5.34 -15.20 -12.75
N PRO B 78 -5.21 -16.38 -12.14
CA PRO B 78 -5.96 -17.56 -12.58
C PRO B 78 -7.33 -17.65 -11.94
N PRO B 79 -8.32 -18.07 -12.72
CA PRO B 79 -9.72 -17.93 -12.28
C PRO B 79 -10.01 -18.57 -10.94
N HIS B 80 -9.25 -19.58 -10.54
CA HIS B 80 -9.55 -20.28 -9.29
C HIS B 80 -9.08 -19.53 -8.04
N ALA B 81 -8.40 -18.39 -8.20
CA ALA B 81 -7.86 -17.67 -7.05
C ALA B 81 -8.80 -16.63 -6.47
N PHE B 82 -10.00 -16.45 -7.02
CA PHE B 82 -10.87 -15.33 -6.64
C PHE B 82 -11.99 -15.79 -5.70
N PHE B 83 -12.17 -15.03 -4.61
CA PHE B 83 -13.16 -15.33 -3.59
C PHE B 83 -13.85 -14.05 -3.15
N LEU B 84 -15.13 -14.19 -2.79
CA LEU B 84 -15.91 -13.11 -2.19
C LEU B 84 -16.21 -13.51 -0.76
N VAL B 85 -15.92 -12.60 0.17
CA VAL B 85 -16.23 -12.80 1.58
C VAL B 85 -17.26 -11.77 1.97
N LYS B 86 -18.40 -12.22 2.46
CA LYS B 86 -19.35 -11.33 3.11
C LYS B 86 -19.14 -11.41 4.62
N PHE B 87 -18.98 -10.25 5.26
CA PHE B 87 -18.82 -10.14 6.70
C PHE B 87 -20.08 -9.55 7.30
N TRP B 88 -20.50 -10.07 8.45
CA TRP B 88 -21.41 -9.34 9.33
C TRP B 88 -20.55 -8.83 10.48
N ALA B 89 -20.23 -7.54 10.44
CA ALA B 89 -19.30 -6.95 11.39
C ALA B 89 -19.98 -6.63 12.72
N ASP B 90 -19.26 -6.87 13.81
CA ASP B 90 -19.77 -6.58 15.15
C ASP B 90 -19.22 -5.22 15.56
N LEU B 91 -20.06 -4.20 15.56
CA LEU B 91 -19.67 -2.86 15.98
C LEU B 91 -20.23 -2.51 17.35
N ASN B 92 -20.60 -3.51 18.12
CA ASN B 92 -21.01 -3.31 19.51
C ASN B 92 -19.77 -3.43 20.38
N TRP B 93 -19.14 -2.30 20.65
CA TRP B 93 -17.99 -2.24 21.57
C TRP B 93 -17.89 -0.86 22.21
N GLY B 110 -7.79 3.37 22.22
CA GLY B 110 -7.65 1.96 21.90
C GLY B 110 -6.70 1.68 20.73
N PHE B 111 -6.27 0.43 20.57
CA PHE B 111 -5.39 0.02 19.47
C PHE B 111 -6.18 -0.81 18.46
N TYR B 112 -6.24 -0.32 17.23
CA TYR B 112 -6.98 -0.98 16.17
C TYR B 112 -6.02 -1.76 15.30
N GLY B 113 -6.22 -3.07 15.22
CA GLY B 113 -5.29 -3.91 14.52
C GLY B 113 -5.99 -4.88 13.58
N VAL B 114 -5.19 -5.43 12.69
CA VAL B 114 -5.58 -6.58 11.91
C VAL B 114 -4.44 -7.58 12.00
N SER B 115 -4.78 -8.85 11.90
CA SER B 115 -3.75 -9.87 11.80
C SER B 115 -4.24 -10.93 10.84
N SER B 116 -3.28 -11.59 10.19
CA SER B 116 -3.56 -12.65 9.24
C SER B 116 -2.41 -13.63 9.21
N GLN B 117 -2.72 -14.86 8.84
CA GLN B 117 -1.74 -15.92 8.66
C GLN B 117 -2.08 -16.67 7.37
N TYR B 118 -1.06 -16.93 6.54
CA TYR B 118 -1.21 -17.83 5.40
C TYR B 118 -0.10 -18.87 5.42
N GLU B 119 -0.36 -20.02 4.78
CA GLU B 119 0.63 -21.08 4.63
C GLU B 119 0.71 -21.53 3.18
N SER B 120 1.88 -21.97 2.75
CA SER B 120 2.01 -22.64 1.48
C SER B 120 3.04 -23.74 1.60
N LEU B 121 3.05 -24.61 0.60
CA LEU B 121 4.10 -25.59 0.53
C LEU B 121 5.33 -25.06 -0.16
N GLU B 122 5.28 -23.89 -0.78
CA GLU B 122 6.46 -23.35 -1.42
C GLU B 122 6.86 -22.02 -0.82
N HIS B 123 8.16 -21.75 -0.89
CA HIS B 123 8.79 -20.58 -0.30
C HIS B 123 8.71 -19.42 -1.28
N MET B 124 7.99 -18.38 -0.90
CA MET B 124 7.80 -17.20 -1.74
C MET B 124 7.97 -15.97 -0.86
N THR B 125 8.11 -14.82 -1.52
CA THR B 125 7.86 -13.53 -0.89
C THR B 125 6.52 -13.01 -1.39
N LEU B 126 5.65 -12.63 -0.46
CA LEU B 126 4.29 -12.23 -0.79
C LEU B 126 4.16 -10.72 -0.79
N THR B 127 3.46 -10.19 -1.79
CA THR B 127 3.07 -8.79 -1.78
C THR B 127 1.56 -8.74 -1.67
N CYS B 128 1.07 -7.91 -0.76
CA CYS B 128 -0.35 -7.71 -0.56
C CYS B 128 -0.73 -6.28 -0.89
N SER B 129 -1.70 -6.14 -1.76
CA SER B 129 -2.35 -4.88 -2.00
C SER B 129 -3.78 -4.97 -1.52
N SER B 130 -4.14 -4.10 -0.60
CA SER B 130 -5.50 -4.01 -0.08
C SER B 130 -6.04 -2.61 -0.38
N LYS B 131 -7.12 -2.55 -1.17
CA LYS B 131 -7.75 -1.32 -1.62
C LYS B 131 -9.08 -1.14 -0.91
N VAL B 132 -9.34 0.08 -0.46
CA VAL B 132 -10.63 0.44 0.11
C VAL B 132 -11.41 1.22 -0.92
N CYS B 133 -12.61 0.74 -1.26
CA CYS B 133 -13.42 1.36 -2.31
C CYS B 133 -14.76 1.87 -1.77
N SER B 134 -15.03 3.13 -2.05
CA SER B 134 -16.26 3.81 -1.67
C SER B 134 -17.03 4.12 -2.95
N PHE B 135 -18.19 3.50 -3.12
CA PHE B 135 -18.95 3.67 -4.35
C PHE B 135 -18.15 3.20 -5.56
N GLY B 136 -17.43 2.09 -5.40
CA GLY B 136 -16.62 1.53 -6.46
C GLY B 136 -15.40 2.34 -6.87
N LYS B 137 -15.15 3.48 -6.22
CA LYS B 137 -13.90 4.20 -6.44
C LYS B 137 -12.93 3.95 -5.29
N GLN B 138 -11.68 3.77 -5.64
CA GLN B 138 -10.64 3.52 -4.67
C GLN B 138 -10.34 4.79 -3.88
N VAL B 139 -10.23 4.66 -2.56
CA VAL B 139 -10.05 5.84 -1.71
C VAL B 139 -8.72 5.76 -0.96
N VAL B 140 -8.25 4.55 -0.64
CA VAL B 140 -6.93 4.39 -0.03
C VAL B 140 -6.42 3.02 -0.41
N GLU B 141 -5.10 2.85 -0.36
CA GLU B 141 -4.49 1.58 -0.72
C GLU B 141 -3.23 1.38 0.10
N LYS B 142 -3.11 0.18 0.65
CA LYS B 142 -1.96 -0.25 1.44
C LYS B 142 -1.29 -1.41 0.72
N VAL B 143 0.02 -1.37 0.65
CA VAL B 143 0.78 -2.44 0.03
C VAL B 143 1.84 -2.92 1.00
N GLU B 144 1.92 -4.23 1.17
CA GLU B 144 2.77 -4.82 2.18
C GLU B 144 3.46 -6.03 1.58
N THR B 145 4.62 -6.36 2.12
CA THR B 145 5.37 -7.55 1.73
C THR B 145 5.66 -8.37 2.97
N GLU B 146 5.64 -9.70 2.82
CA GLU B 146 5.91 -10.62 3.93
C GLU B 146 6.79 -11.76 3.45
N ARG B 147 7.91 -11.99 4.13
CA ARG B 147 8.77 -13.13 3.84
C ARG B 147 8.26 -14.38 4.54
N ALA B 148 8.35 -15.51 3.85
CA ALA B 148 7.95 -16.79 4.39
C ALA B 148 8.95 -17.23 5.45
N GLN B 149 8.46 -18.00 6.41
CA GLN B 149 9.30 -18.55 7.47
C GLN B 149 8.94 -20.02 7.65
N LEU B 150 9.92 -20.93 7.59
CA LEU B 150 9.67 -22.38 7.66
C LEU B 150 9.25 -22.83 9.06
N GLU B 151 8.30 -23.73 9.13
CA GLU B 151 7.77 -24.20 10.42
C GLU B 151 6.93 -25.43 10.17
N ASP B 152 7.32 -26.58 10.72
CA ASP B 152 6.52 -27.82 10.63
C ASP B 152 6.32 -28.22 9.17
N GLY B 153 7.37 -28.07 8.36
CA GLY B 153 7.31 -28.49 6.95
C GLY B 153 6.71 -27.41 6.07
N ARG B 154 5.63 -26.79 6.54
CA ARG B 154 4.94 -25.79 5.74
C ARG B 154 5.63 -24.44 5.87
N PHE B 155 5.43 -23.59 4.89
CA PHE B 155 5.93 -22.22 4.95
C PHE B 155 4.78 -21.41 5.54
N VAL B 156 5.07 -20.49 6.44
CA VAL B 156 4.06 -19.71 7.14
C VAL B 156 4.36 -18.23 6.94
N TYR B 157 3.30 -17.47 6.73
CA TYR B 157 3.36 -16.02 6.55
C TYR B 157 2.47 -15.40 7.60
N ARG B 158 3.06 -14.53 8.41
CA ARG B 158 2.36 -14.07 9.61
C ARG B 158 2.43 -12.58 9.80
N LEU B 159 1.38 -11.89 9.45
CA LEU B 159 1.22 -10.46 9.74
C LEU B 159 0.41 -10.39 11.02
N LEU B 160 1.09 -10.19 12.14
CA LEU B 160 0.46 -10.16 13.45
C LEU B 160 0.45 -8.73 13.98
N ARG B 161 -0.70 -8.30 14.46
CA ARG B 161 -0.83 -7.02 15.17
C ARG B 161 -0.45 -5.82 14.30
N SER B 162 -0.76 -5.90 13.01
CA SER B 162 -0.60 -4.81 12.06
C SER B 162 -1.65 -3.73 12.29
N PRO B 163 -1.24 -2.48 12.46
CA PRO B 163 -2.22 -1.42 12.76
C PRO B 163 -3.16 -1.16 11.60
N MET B 164 -4.44 -1.00 11.92
CA MET B 164 -5.45 -0.67 10.93
C MET B 164 -5.17 0.69 10.31
N CYS B 165 -5.32 0.82 8.98
CA CYS B 165 -5.04 2.12 8.40
C CYS B 165 -6.02 3.11 8.98
N GLU B 166 -5.54 4.33 9.19
CA GLU B 166 -6.33 5.35 9.87
C GLU B 166 -7.66 5.60 9.16
N TYR B 167 -7.77 5.29 7.87
CA TYR B 167 -9.05 5.47 7.18
C TYR B 167 -10.12 4.56 7.77
N LEU B 168 -9.79 3.27 7.95
CA LEU B 168 -10.78 2.36 8.50
C LEU B 168 -11.12 2.71 9.95
N VAL B 169 -10.13 3.12 10.75
CA VAL B 169 -10.45 3.51 12.12
C VAL B 169 -11.42 4.68 12.13
N ASN B 170 -11.16 5.69 11.29
CA ASN B 170 -12.06 6.84 11.23
C ASN B 170 -13.46 6.42 10.79
N PHE B 171 -13.52 5.61 9.72
CA PHE B 171 -14.80 5.09 9.24
C PHE B 171 -15.54 4.33 10.34
N LEU B 172 -14.83 3.47 11.08
CA LEU B 172 -15.47 2.73 12.17
C LEU B 172 -16.05 3.68 13.19
N HIS B 173 -15.28 4.69 13.58
CA HIS B 173 -15.74 5.62 14.60
C HIS B 173 -17.01 6.33 14.15
N LYS B 174 -17.06 6.71 12.87
CA LYS B 174 -18.26 7.35 12.33
C LYS B 174 -19.41 6.36 12.20
N LEU B 175 -19.15 5.19 11.62
CA LEU B 175 -20.20 4.21 11.41
C LEU B 175 -20.86 3.81 12.73
N ARG B 176 -20.08 3.59 13.76
CA ARG B 176 -20.64 3.15 15.03
C ARG B 176 -21.57 4.17 15.67
N GLN B 177 -21.63 5.40 15.16
CA GLN B 177 -22.45 6.42 15.78
C GLN B 177 -23.73 6.71 15.00
N LEU B 178 -23.99 5.96 13.92
CA LEU B 178 -25.23 6.14 13.19
C LEU B 178 -26.42 5.70 14.05
N PRO B 179 -27.56 6.39 13.93
CA PRO B 179 -28.70 6.15 14.82
C PRO B 179 -29.46 4.85 14.58
N GLU B 180 -29.13 4.04 13.60
CA GLU B 180 -29.95 2.89 13.25
C GLU B 180 -29.15 1.94 12.38
N ARG B 181 -29.36 0.64 12.56
CA ARG B 181 -28.56 -0.32 11.83
C ARG B 181 -28.86 -0.32 10.34
N TYR B 182 -30.12 -0.07 9.95
CA TYR B 182 -30.43 -0.03 8.52
C TYR B 182 -29.64 1.07 7.82
N MET B 183 -29.28 2.13 8.55
CA MET B 183 -28.43 3.16 8.00
C MET B 183 -26.98 2.69 7.94
N MET B 184 -26.49 2.08 9.01
CA MET B 184 -25.19 1.40 8.94
C MET B 184 -25.14 0.55 7.70
N ASN B 185 -26.15 -0.31 7.51
CA ASN B 185 -26.11 -1.23 6.40
C ASN B 185 -26.10 -0.49 5.06
N SER B 186 -26.89 0.58 4.93
CA SER B 186 -26.91 1.29 3.66
C SER B 186 -25.60 2.03 3.41
N VAL B 187 -24.91 2.45 4.46
CA VAL B 187 -23.57 2.98 4.24
C VAL B 187 -22.63 1.87 3.80
N LEU B 188 -22.66 0.74 4.51
CA LEU B 188 -21.78 -0.36 4.14
C LEU B 188 -22.09 -0.92 2.75
N GLU B 189 -23.28 -0.67 2.21
CA GLU B 189 -23.59 -1.12 0.86
C GLU B 189 -22.62 -0.57 -0.17
N ASN B 190 -21.98 0.56 0.12
CA ASN B 190 -21.14 1.26 -0.84
C ASN B 190 -19.69 1.22 -0.42
N PHE B 191 -19.35 0.28 0.44
CA PHE B 191 -18.02 0.19 1.00
C PHE B 191 -17.53 -1.23 0.77
N THR B 192 -16.35 -1.37 0.15
CA THR B 192 -15.79 -2.69 -0.08
C THR B 192 -14.27 -2.63 -0.06
N ILE B 193 -13.66 -3.77 0.20
CA ILE B 193 -12.22 -3.88 0.26
C ILE B 193 -11.81 -4.95 -0.73
N LEU B 194 -10.80 -4.66 -1.54
CA LEU B 194 -10.28 -5.62 -2.50
C LEU B 194 -8.85 -5.92 -2.12
N GLN B 195 -8.57 -7.19 -1.92
CA GLN B 195 -7.26 -7.65 -1.51
C GLN B 195 -6.69 -8.58 -2.57
N VAL B 196 -5.42 -8.32 -2.93
CA VAL B 196 -4.73 -9.03 -4.00
C VAL B 196 -3.39 -9.49 -3.47
N VAL B 197 -3.19 -10.80 -3.39
CA VAL B 197 -1.94 -11.37 -2.89
C VAL B 197 -1.19 -11.99 -4.06
N THR B 198 0.08 -11.62 -4.19
CA THR B 198 0.88 -11.98 -5.35
C THR B 198 2.26 -12.43 -4.90
N ASN B 199 2.93 -13.18 -5.78
CA ASN B 199 4.30 -13.60 -5.58
C ASN B 199 5.21 -12.44 -5.98
N ARG B 200 5.87 -11.82 -5.00
CA ARG B 200 6.58 -10.56 -5.27
C ARG B 200 7.62 -10.72 -6.38
N ASP B 201 8.14 -11.93 -6.58
CA ASP B 201 9.20 -12.14 -7.56
C ASP B 201 8.67 -12.44 -8.96
N THR B 202 7.57 -13.18 -9.05
CA THR B 202 7.00 -13.56 -10.33
C THR B 202 5.87 -12.66 -10.79
N GLN B 203 5.21 -11.97 -9.87
CA GLN B 203 4.01 -11.17 -10.08
C GLN B 203 2.77 -12.03 -10.31
N GLU B 204 2.89 -13.35 -10.24
CA GLU B 204 1.71 -14.17 -10.40
C GLU B 204 0.77 -13.95 -9.22
N LEU B 205 -0.53 -13.90 -9.52
CA LEU B 205 -1.53 -13.72 -8.49
C LEU B 205 -1.76 -15.04 -7.78
N LEU B 206 -1.84 -14.98 -6.45
CA LEU B 206 -2.10 -16.19 -5.68
C LEU B 206 -3.49 -16.22 -5.05
N LEU B 207 -4.04 -15.07 -4.70
CA LEU B 207 -5.30 -14.95 -4.00
C LEU B 207 -5.89 -13.55 -4.21
N CYS B 208 -7.16 -13.51 -4.58
CA CYS B 208 -7.90 -12.27 -4.77
C CYS B 208 -9.18 -12.38 -3.96
N THR B 209 -9.32 -11.54 -2.94
CA THR B 209 -10.52 -11.58 -2.10
C THR B 209 -11.23 -10.24 -2.20
N ALA B 210 -12.52 -10.29 -2.45
CA ALA B 210 -13.39 -9.12 -2.38
C ALA B 210 -14.22 -9.22 -1.10
N TYR B 211 -14.23 -8.16 -0.32
CA TYR B 211 -14.93 -8.14 0.96
C TYR B 211 -16.10 -7.17 0.85
N VAL B 212 -17.32 -7.68 1.12
CA VAL B 212 -18.51 -6.86 1.27
C VAL B 212 -19.01 -7.01 2.70
N PHE B 213 -19.77 -6.03 3.18
CA PHE B 213 -20.02 -5.86 4.60
C PHE B 213 -21.47 -5.55 4.91
N GLU B 214 -21.96 -6.12 6.01
CA GLU B 214 -23.19 -5.75 6.67
C GLU B 214 -22.87 -5.60 8.15
N VAL B 215 -23.74 -4.92 8.86
CA VAL B 215 -23.62 -4.85 10.30
C VAL B 215 -24.44 -5.99 10.90
N SER B 216 -23.85 -6.65 11.88
CA SER B 216 -24.52 -7.66 12.69
C SER B 216 -25.39 -7.02 13.74
N THR B 217 -26.52 -7.66 14.05
CA THR B 217 -27.22 -7.34 15.28
C THR B 217 -26.27 -7.55 16.47
N SER B 218 -26.40 -6.70 17.49
CA SER B 218 -25.32 -6.55 18.45
C SER B 218 -25.18 -7.73 19.42
N GLU B 219 -26.25 -8.48 19.68
CA GLU B 219 -26.09 -9.66 20.53
C GLU B 219 -25.49 -10.85 19.78
N ARG B 220 -25.49 -10.83 18.45
CA ARG B 220 -24.69 -11.77 17.67
C ARG B 220 -23.31 -11.18 17.44
N GLY B 221 -22.28 -11.99 17.61
CA GLY B 221 -20.95 -11.55 17.27
C GLY B 221 -20.80 -11.55 15.77
N ALA B 222 -19.54 -11.53 15.33
CA ALA B 222 -19.24 -11.47 13.91
C ALA B 222 -19.49 -12.82 13.25
N GLN B 223 -19.70 -12.80 11.95
CA GLN B 223 -19.84 -14.03 11.17
C GLN B 223 -19.46 -13.70 9.73
N HIS B 224 -19.26 -14.70 8.91
CA HIS B 224 -18.81 -14.48 7.53
C HIS B 224 -19.30 -15.62 6.66
N HIS B 225 -19.33 -15.40 5.36
CA HIS B 225 -19.69 -16.41 4.38
C HIS B 225 -18.76 -16.23 3.18
N ILE B 226 -18.15 -17.32 2.74
CA ILE B 226 -17.14 -17.31 1.70
C ILE B 226 -17.71 -17.96 0.46
N TYR B 227 -17.54 -17.30 -0.68
CA TYR B 227 -17.97 -17.79 -1.98
C TYR B 227 -16.79 -17.81 -2.95
N ARG B 228 -16.92 -18.63 -3.96
CA ARG B 228 -15.95 -18.62 -5.05
C ARG B 228 -16.51 -17.64 -6.07
N LEU B 229 -15.65 -16.85 -6.69
CA LEU B 229 -16.07 -15.90 -7.70
C LEU B 229 -15.83 -16.56 -9.05
N VAL B 230 -16.90 -16.83 -9.79
CA VAL B 230 -16.85 -17.56 -11.08
C VAL B 230 -17.31 -16.68 -12.23
N ARG B 231 -17.12 -17.11 -13.47
CA ARG B 231 -17.52 -16.32 -14.67
C ARG B 231 -17.77 -17.24 -15.88
N ASP B 232 -17.84 -16.66 -17.09
CA ASP B 232 -18.17 -17.34 -18.38
C ASP B 232 -19.68 -17.22 -18.59
#